data_7X4H
#
_entry.id   7X4H
#
_cell.length_a   48.025
_cell.length_b   79.377
_cell.length_c   82.260
_cell.angle_alpha   90.000
_cell.angle_beta   90.000
_cell.angle_gamma   90.000
#
_symmetry.space_group_name_H-M   'P 21 21 21'
#
loop_
_entity.id
_entity.type
_entity.pdbx_description
1 polymer 'Casein Kinase 2 subunit alpha'
2 non-polymer 5-azanyl-3-[(~{Z})-1-cyano-2-(1~{H}-indol-3-yl)ethenyl]-1~{H}-pyrazole-4-carbonitrile
3 water water
#
_entity_poly.entity_id   1
_entity_poly.type   'polypeptide(L)'
_entity_poly.pdbx_seq_one_letter_code
;GPLGSMSGPVPSRARVYTDVNTHRPREYWDYESHVVEWGNQDDYQLVRKLGRGKYSEVFEAINITNNEKVVVKILKPVKK
KKIKREIKILENLRGGPNIITLADIVKDPVSRTPALVFEHVNNTDFKQLYQTLTDYDIRFYMYEILKALDYCHSMGIMHR
DVKPHNVMIDHEHRKLRLIDWGLAEFYHPGQEYNVRVASRYFKGPELLVDYQMYDYSLDMWSLGCMLASMIFRKEPFFHG
HDNYDQLVRIAKVLGTEDLYDYIDKYNIELDPRFNDILGRHSRKRWERFVHSENQHLVSPEALDFLDKLLRYDHQSRLTA
REAMEHPYFYTVVKDQARMG
;
_entity_poly.pdbx_strand_id   A
#
loop_
_chem_comp.id
_chem_comp.type
_chem_comp.name
_chem_comp.formula
8BH non-polymer 5-azanyl-3-[(~{Z})-1-cyano-2-(1~{H}-indol-3-yl)ethenyl]-1~{H}-pyrazole-4-carbonitrile 'C15 H10 N6'
#
# COMPACT_ATOMS: atom_id res chain seq x y z
N SER A 7 6.86 -2.86 32.16
CA SER A 7 6.52 -4.02 31.34
C SER A 7 6.17 -3.61 29.91
N GLY A 8 7.08 -3.85 28.98
CA GLY A 8 6.91 -3.43 27.60
C GLY A 8 5.97 -4.30 26.78
N PRO A 9 5.73 -3.92 25.52
CA PRO A 9 4.82 -4.70 24.67
C PRO A 9 5.39 -6.07 24.28
N VAL A 10 4.48 -7.01 24.09
CA VAL A 10 4.81 -8.34 23.61
C VAL A 10 5.38 -8.28 22.18
N PRO A 11 6.48 -8.99 21.92
CA PRO A 11 7.03 -9.00 20.55
C PRO A 11 6.16 -9.78 19.55
N SER A 12 6.39 -9.50 18.26
CA SER A 12 5.64 -10.09 17.16
C SER A 12 6.56 -10.33 15.97
N ARG A 13 6.25 -11.35 15.16
CA ARG A 13 6.93 -11.52 13.88
C ARG A 13 5.91 -11.92 12.82
N ALA A 14 6.24 -11.61 11.57
CA ALA A 14 5.37 -11.93 10.44
C ALA A 14 5.08 -13.42 10.40
N ARG A 15 3.86 -13.81 10.11
CA ARG A 15 3.58 -15.25 10.04
C ARG A 15 3.86 -15.81 8.64
N VAL A 16 4.20 -14.94 7.69
CA VAL A 16 4.68 -15.36 6.37
C VAL A 16 5.93 -14.57 5.96
N TYR A 17 6.79 -15.20 5.14
CA TYR A 17 7.94 -14.52 4.55
C TYR A 17 8.83 -13.90 5.63
N THR A 18 8.84 -14.53 6.80
CA THR A 18 9.49 -13.96 7.99
C THR A 18 10.98 -13.72 7.78
N ASP A 19 11.64 -14.66 7.14
CA ASP A 19 13.09 -14.64 7.04
C ASP A 19 13.61 -14.55 5.61
N VAL A 20 12.80 -13.98 4.72
CA VAL A 20 13.22 -13.82 3.33
C VAL A 20 14.50 -13.02 3.19
N ASN A 21 14.63 -11.94 3.97
CA ASN A 21 15.85 -11.14 3.86
C ASN A 21 17.01 -11.77 4.59
N THR A 22 16.68 -12.59 5.58
CA THR A 22 17.69 -13.29 6.37
C THR A 22 18.53 -14.22 5.50
N HIS A 23 17.90 -14.90 4.53
CA HIS A 23 18.63 -15.87 3.74
C HIS A 23 19.07 -15.31 2.39
N ARG A 24 18.85 -14.01 2.19
CA ARG A 24 19.36 -13.31 1.02
C ARG A 24 20.80 -12.86 1.25
N PRO A 25 21.56 -12.67 0.17
CA PRO A 25 22.88 -12.03 0.29
C PRO A 25 22.73 -10.63 0.88
N ARG A 26 23.69 -10.20 1.70
CA ARG A 26 23.61 -8.90 2.36
C ARG A 26 23.28 -7.78 1.37
N GLU A 27 23.86 -7.88 0.18
CA GLU A 27 23.67 -6.91 -0.87
C GLU A 27 22.19 -6.66 -1.21
N TYR A 28 21.36 -7.68 -1.06
CA TYR A 28 19.93 -7.58 -1.40
C TYR A 28 19.22 -6.51 -0.56
N TRP A 29 19.47 -6.53 0.75
CA TRP A 29 18.78 -5.60 1.66
C TRP A 29 19.65 -4.47 2.22
N ASP A 30 20.98 -4.55 2.05
CA ASP A 30 21.87 -3.51 2.56
C ASP A 30 21.94 -2.35 1.58
N TYR A 31 20.86 -1.56 1.52
CA TYR A 31 20.76 -0.53 0.50
C TYR A 31 21.79 0.58 0.66
N GLU A 32 22.26 0.77 1.90
CA GLU A 32 23.26 1.78 2.21
C GLU A 32 24.51 1.63 1.35
N SER A 33 24.84 0.39 1.01
CA SER A 33 26.06 0.09 0.27
C SER A 33 25.83 -0.01 -1.24
N HIS A 34 24.58 0.13 -1.65
CA HIS A 34 24.24 0.03 -3.07
C HIS A 34 24.96 1.12 -3.88
N VAL A 35 25.53 0.73 -5.02
CA VAL A 35 26.18 1.68 -5.92
C VAL A 35 25.27 1.95 -7.11
N VAL A 36 24.82 3.20 -7.25
CA VAL A 36 23.87 3.55 -8.32
C VAL A 36 24.52 3.57 -9.71
N GLU A 37 23.89 2.87 -10.65
CA GLU A 37 24.28 2.95 -12.06
C GLU A 37 23.41 4.02 -12.71
N TRP A 38 24.03 5.12 -13.14
CA TRP A 38 23.28 6.27 -13.64
C TRP A 38 23.05 6.19 -15.14
N GLY A 39 21.81 6.43 -15.56
CA GLY A 39 21.51 6.62 -16.97
C GLY A 39 21.84 8.04 -17.40
N ASN A 40 21.34 8.43 -18.57
CA ASN A 40 21.64 9.73 -19.15
C ASN A 40 20.48 10.71 -19.07
N GLN A 41 20.68 11.81 -18.34
CA GLN A 41 19.62 12.81 -18.16
C GLN A 41 19.09 13.32 -19.49
N ASP A 42 19.99 13.47 -20.48
CA ASP A 42 19.61 14.09 -21.73
C ASP A 42 18.71 13.21 -22.61
N ASP A 43 18.42 11.98 -22.14
CA ASP A 43 17.47 11.13 -22.84
C ASP A 43 16.03 11.57 -22.61
N TYR A 44 15.81 12.45 -21.63
CA TYR A 44 14.44 12.80 -21.25
C TYR A 44 14.18 14.28 -21.34
N GLN A 45 12.95 14.62 -21.72
CA GLN A 45 12.49 15.98 -21.82
C GLN A 45 11.22 16.14 -20.97
N LEU A 46 11.21 17.10 -20.04
CA LEU A 46 10.00 17.31 -19.23
C LEU A 46 8.90 18.04 -20.01
N VAL A 47 7.67 17.56 -19.87
CA VAL A 47 6.55 18.09 -20.63
C VAL A 47 5.57 18.90 -19.79
N ARG A 48 5.22 18.34 -18.64
CA ARG A 48 4.17 18.91 -17.80
C ARG A 48 4.34 18.46 -16.34
N LYS A 49 4.09 19.35 -15.39
CA LYS A 49 4.13 18.94 -14.00
C LYS A 49 2.82 18.22 -13.67
N LEU A 50 2.93 17.06 -13.02
CA LEU A 50 1.78 16.24 -12.65
C LEU A 50 1.35 16.47 -11.21
N GLY A 51 2.33 16.77 -10.38
CA GLY A 51 2.09 17.00 -8.97
C GLY A 51 3.36 17.19 -8.18
N ARG A 52 3.21 17.41 -6.88
CA ARG A 52 4.36 17.66 -6.04
C ARG A 52 4.21 16.91 -4.73
N GLY A 53 5.24 16.14 -4.40
CA GLY A 53 5.29 15.47 -3.12
C GLY A 53 5.96 16.39 -2.12
N LYS A 54 6.16 15.87 -0.92
CA LYS A 54 6.84 16.65 0.09
C LYS A 54 8.35 16.60 -0.18
N TYR A 55 8.78 15.50 -0.80
CA TYR A 55 10.19 15.27 -1.06
C TYR A 55 10.48 15.17 -2.56
N SER A 56 9.47 15.41 -3.38
CA SER A 56 9.66 15.31 -4.81
C SER A 56 8.65 16.10 -5.64
N GLU A 57 9.02 16.30 -6.91
CA GLU A 57 8.20 16.95 -7.90
C GLU A 57 8.05 15.97 -9.05
N VAL A 58 6.83 15.79 -9.53
CA VAL A 58 6.55 14.71 -10.48
C VAL A 58 6.11 15.28 -11.82
N PHE A 59 6.76 14.83 -12.90
CA PHE A 59 6.51 15.39 -14.23
C PHE A 59 6.15 14.30 -15.24
N GLU A 60 5.22 14.59 -16.13
CA GLU A 60 5.11 13.81 -17.35
C GLU A 60 6.29 14.20 -18.25
N ALA A 61 6.89 13.22 -18.90
CA ALA A 61 8.09 13.45 -19.72
C ALA A 61 8.07 12.56 -20.96
N ILE A 62 9.03 12.81 -21.87
CA ILE A 62 9.18 11.97 -23.05
C ILE A 62 10.61 11.47 -23.14
N ASN A 63 10.76 10.19 -23.48
CA ASN A 63 12.05 9.65 -23.80
C ASN A 63 12.32 10.01 -25.26
N ILE A 64 13.29 10.89 -25.51
CA ILE A 64 13.46 11.41 -26.86
C ILE A 64 14.16 10.41 -27.79
N THR A 65 14.70 9.32 -27.24
CA THR A 65 15.34 8.34 -28.12
C THR A 65 14.29 7.44 -28.78
N ASN A 66 13.10 7.35 -28.19
CA ASN A 66 12.06 6.48 -28.76
C ASN A 66 10.65 7.08 -28.71
N ASN A 67 10.55 8.32 -28.24
CA ASN A 67 9.28 9.07 -28.20
C ASN A 67 8.21 8.45 -27.31
N GLU A 68 8.64 7.64 -26.35
CA GLU A 68 7.73 7.03 -25.38
C GLU A 68 7.53 7.96 -24.20
N LYS A 69 6.30 8.02 -23.71
CA LYS A 69 5.99 8.76 -22.49
C LYS A 69 6.61 8.06 -21.29
N VAL A 70 7.09 8.85 -20.34
CA VAL A 70 7.56 8.36 -19.05
C VAL A 70 7.14 9.35 -17.96
N VAL A 71 7.39 8.97 -16.71
CA VAL A 71 7.18 9.86 -15.58
C VAL A 71 8.51 10.09 -14.88
N VAL A 72 8.86 11.35 -14.67
CA VAL A 72 10.11 11.70 -13.99
C VAL A 72 9.82 12.27 -12.61
N LYS A 73 10.42 11.67 -11.59
CA LYS A 73 10.27 12.17 -10.23
C LYS A 73 11.59 12.77 -9.76
N ILE A 74 11.63 14.10 -9.66
CA ILE A 74 12.84 14.77 -9.21
C ILE A 74 12.86 14.83 -7.70
N LEU A 75 13.93 14.32 -7.12
CA LEU A 75 14.05 14.24 -5.67
C LEU A 75 14.66 15.52 -5.09
N LYS A 76 13.95 16.13 -4.14
CA LYS A 76 14.45 17.31 -3.45
C LYS A 76 15.60 16.89 -2.54
N PRO A 77 16.39 17.87 -2.05
CA PRO A 77 17.46 17.50 -1.12
C PRO A 77 16.94 16.74 0.09
N VAL A 78 17.56 15.60 0.38
CA VAL A 78 17.12 14.70 1.44
C VAL A 78 18.29 13.76 1.75
N LYS A 79 18.18 12.99 2.83
CA LYS A 79 19.19 11.99 3.15
C LYS A 79 19.39 11.08 1.95
N LYS A 80 20.64 10.85 1.59
CA LYS A 80 20.93 9.94 0.50
C LYS A 80 20.45 8.54 0.85
N LYS A 81 20.49 8.19 2.13
CA LYS A 81 20.03 6.89 2.62
C LYS A 81 18.60 6.60 2.18
N LYS A 82 17.75 7.61 2.22
CA LYS A 82 16.35 7.45 1.84
C LYS A 82 16.21 7.20 0.33
N ILE A 83 17.01 7.91 -0.46
CA ILE A 83 16.95 7.75 -1.90
C ILE A 83 17.45 6.36 -2.27
N LYS A 84 18.52 5.93 -1.61
CA LYS A 84 19.10 4.63 -1.93
C LYS A 84 18.15 3.49 -1.58
N ARG A 85 17.37 3.65 -0.51
CA ARG A 85 16.41 2.62 -0.11
C ARG A 85 15.34 2.47 -1.17
N GLU A 86 14.78 3.58 -1.65
CA GLU A 86 13.74 3.52 -2.67
C GLU A 86 14.30 2.91 -3.96
N ILE A 87 15.49 3.34 -4.37
CA ILE A 87 16.12 2.75 -5.56
C ILE A 87 16.33 1.24 -5.43
N LYS A 88 16.86 0.78 -4.30
CA LYS A 88 17.18 -0.63 -4.13
C LYS A 88 15.90 -1.46 -4.16
N ILE A 89 14.87 -0.96 -3.50
CA ILE A 89 13.57 -1.63 -3.48
C ILE A 89 12.96 -1.70 -4.89
N LEU A 90 13.03 -0.61 -5.64
CA LEU A 90 12.47 -0.60 -6.99
C LEU A 90 13.22 -1.54 -7.93
N GLU A 91 14.53 -1.64 -7.74
CA GLU A 91 15.32 -2.55 -8.57
C GLU A 91 15.07 -4.01 -8.16
N ASN A 92 14.95 -4.26 -6.86
CA ASN A 92 14.66 -5.60 -6.39
C ASN A 92 13.32 -6.13 -6.91
N LEU A 93 12.32 -5.25 -7.02
CA LEU A 93 10.96 -5.66 -7.41
C LEU A 93 10.67 -5.53 -8.90
N ARG A 94 11.63 -4.99 -9.65
CA ARG A 94 11.40 -4.74 -11.07
C ARG A 94 11.00 -6.03 -11.80
N GLY A 95 9.97 -5.93 -12.63
CA GLY A 95 9.46 -7.10 -13.34
C GLY A 95 8.36 -7.84 -12.61
N GLY A 96 8.19 -7.58 -11.30
CA GLY A 96 7.12 -8.19 -10.53
C GLY A 96 5.74 -7.77 -11.02
N PRO A 97 4.71 -8.62 -10.81
CA PRO A 97 3.37 -8.33 -11.31
C PRO A 97 2.77 -7.04 -10.75
N ASN A 98 2.40 -6.13 -11.65
CA ASN A 98 1.71 -4.87 -11.31
C ASN A 98 2.55 -3.91 -10.44
N ILE A 99 3.86 -4.14 -10.40
CA ILE A 99 4.82 -3.22 -9.76
C ILE A 99 5.26 -2.21 -10.80
N ILE A 100 5.20 -0.92 -10.48
CA ILE A 100 5.65 0.10 -11.42
C ILE A 100 7.10 -0.17 -11.81
N THR A 101 7.39 -0.04 -13.10
CA THR A 101 8.73 -0.25 -13.60
C THR A 101 9.57 1.02 -13.51
N LEU A 102 10.68 0.92 -12.77
CA LEU A 102 11.71 1.94 -12.77
C LEU A 102 12.50 1.77 -14.07
N ALA A 103 12.35 2.74 -14.96
CA ALA A 103 12.97 2.66 -16.28
C ALA A 103 14.41 3.20 -16.29
N ASP A 104 14.71 4.11 -15.38
CA ASP A 104 16.02 4.77 -15.40
C ASP A 104 16.23 5.57 -14.12
N ILE A 105 17.50 5.91 -13.86
CA ILE A 105 17.88 6.76 -12.74
C ILE A 105 18.87 7.76 -13.30
N VAL A 106 18.55 9.04 -13.24
CA VAL A 106 19.43 10.04 -13.85
C VAL A 106 19.69 11.21 -12.90
N LYS A 107 20.58 12.10 -13.29
CA LYS A 107 20.86 13.28 -12.47
C LYS A 107 21.43 14.39 -13.34
N ASP A 108 21.30 15.61 -12.85
CA ASP A 108 22.04 16.73 -13.39
C ASP A 108 23.50 16.43 -13.14
N PRO A 109 24.31 16.33 -14.21
CA PRO A 109 25.70 15.87 -14.00
C PRO A 109 26.55 16.91 -13.26
N VAL A 110 26.06 18.14 -13.18
CA VAL A 110 26.80 19.21 -12.51
C VAL A 110 26.29 19.44 -11.08
N SER A 111 24.97 19.55 -10.92
CA SER A 111 24.40 19.83 -9.61
C SER A 111 24.14 18.56 -8.80
N ARG A 112 24.16 17.41 -9.48
CA ARG A 112 23.91 16.10 -8.87
C ARG A 112 22.45 15.89 -8.42
N THR A 113 21.55 16.81 -8.77
CA THR A 113 20.14 16.64 -8.42
C THR A 113 19.59 15.43 -9.18
N PRO A 114 19.18 14.38 -8.44
CA PRO A 114 18.81 13.10 -9.05
C PRO A 114 17.31 12.99 -9.33
N ALA A 115 16.95 12.09 -10.24
CA ALA A 115 15.55 11.83 -10.56
C ALA A 115 15.35 10.36 -10.93
N LEU A 116 14.18 9.84 -10.57
CA LEU A 116 13.77 8.50 -10.96
C LEU A 116 12.87 8.58 -12.17
N VAL A 117 13.05 7.66 -13.11
CA VAL A 117 12.25 7.64 -14.33
C VAL A 117 11.41 6.37 -14.36
N PHE A 118 10.10 6.54 -14.47
CA PHE A 118 9.17 5.40 -14.43
C PHE A 118 8.42 5.25 -15.73
N GLU A 119 7.98 4.02 -15.99
CA GLU A 119 7.03 3.80 -17.07
C GLU A 119 5.81 4.67 -16.83
N HIS A 120 5.20 5.10 -17.93
CA HIS A 120 4.02 5.93 -17.88
C HIS A 120 2.76 5.08 -17.78
N VAL A 121 1.84 5.45 -16.90
CA VAL A 121 0.51 4.83 -16.89
C VAL A 121 -0.50 5.91 -17.22
N ASN A 122 -1.38 5.66 -18.18
CA ASN A 122 -2.42 6.62 -18.53
C ASN A 122 -3.57 6.51 -17.54
N ASN A 123 -3.40 7.11 -16.36
CA ASN A 123 -4.30 6.95 -15.21
C ASN A 123 -5.59 7.75 -15.31
N THR A 124 -6.67 7.18 -14.80
CA THR A 124 -7.89 7.93 -14.53
C THR A 124 -7.97 8.18 -13.03
N ASP A 125 -8.00 9.45 -12.62
CA ASP A 125 -7.98 9.79 -11.18
C ASP A 125 -9.07 9.03 -10.44
N PHE A 126 -8.72 8.48 -9.27
CA PHE A 126 -9.61 7.52 -8.61
C PHE A 126 -10.93 8.18 -8.21
N LYS A 127 -10.89 9.47 -7.94
CA LYS A 127 -12.12 10.20 -7.57
C LYS A 127 -13.15 10.16 -8.69
N GLN A 128 -12.67 10.10 -9.94
CA GLN A 128 -13.55 9.91 -11.08
C GLN A 128 -13.81 8.43 -11.36
N LEU A 129 -12.74 7.64 -11.41
CA LEU A 129 -12.83 6.24 -11.85
C LEU A 129 -13.72 5.39 -10.95
N TYR A 130 -13.56 5.50 -9.63
CA TYR A 130 -14.28 4.61 -8.71
C TYR A 130 -15.80 4.76 -8.83
N GLN A 131 -16.26 5.95 -9.22
CA GLN A 131 -17.68 6.20 -9.44
C GLN A 131 -18.28 5.27 -10.50
N THR A 132 -17.43 4.77 -11.39
CA THR A 132 -17.89 4.09 -12.59
C THR A 132 -17.57 2.58 -12.58
N LEU A 133 -16.77 2.16 -11.62
CA LEU A 133 -16.35 0.77 -11.56
C LEU A 133 -17.54 -0.17 -11.30
N THR A 134 -17.55 -1.28 -12.02
CA THR A 134 -18.53 -2.34 -11.82
C THR A 134 -18.05 -3.31 -10.74
N ASP A 135 -18.94 -4.20 -10.32
CA ASP A 135 -18.61 -5.24 -9.36
C ASP A 135 -17.41 -6.05 -9.86
N TYR A 136 -17.46 -6.49 -11.12
CA TYR A 136 -16.35 -7.25 -11.67
C TYR A 136 -15.06 -6.44 -11.75
N ASP A 137 -15.16 -5.15 -12.10
CA ASP A 137 -13.98 -4.26 -12.14
C ASP A 137 -13.27 -4.24 -10.79
N ILE A 138 -14.05 -4.12 -9.72
CA ILE A 138 -13.44 -4.05 -8.39
C ILE A 138 -12.74 -5.36 -8.05
N ARG A 139 -13.41 -6.47 -8.29
CA ARG A 139 -12.80 -7.78 -8.07
C ARG A 139 -11.50 -7.90 -8.85
N PHE A 140 -11.54 -7.52 -10.12
CA PHE A 140 -10.36 -7.64 -10.98
C PHE A 140 -9.19 -6.80 -10.47
N TYR A 141 -9.45 -5.55 -10.14
CA TYR A 141 -8.34 -4.67 -9.75
C TYR A 141 -7.83 -5.00 -8.35
N MET A 142 -8.72 -5.44 -7.46
CA MET A 142 -8.29 -5.95 -6.15
C MET A 142 -7.34 -7.14 -6.31
N TYR A 143 -7.69 -8.04 -7.22
CA TYR A 143 -6.82 -9.17 -7.50
C TYR A 143 -5.46 -8.69 -8.01
N GLU A 144 -5.46 -7.69 -8.89
CA GLU A 144 -4.19 -7.17 -9.40
C GLU A 144 -3.35 -6.56 -8.26
N ILE A 145 -3.98 -5.85 -7.34
CA ILE A 145 -3.22 -5.27 -6.23
C ILE A 145 -2.67 -6.39 -5.35
N LEU A 146 -3.46 -7.43 -5.13
CA LEU A 146 -2.97 -8.56 -4.33
C LEU A 146 -1.74 -9.21 -4.95
N LYS A 147 -1.70 -9.32 -6.27
CA LYS A 147 -0.54 -9.92 -6.94
C LYS A 147 0.71 -9.10 -6.64
N ALA A 148 0.56 -7.78 -6.66
CA ALA A 148 1.69 -6.89 -6.37
C ALA A 148 2.14 -7.03 -4.93
N LEU A 149 1.19 -7.10 -4.01
CA LEU A 149 1.52 -7.19 -2.59
C LEU A 149 2.09 -8.55 -2.20
N ASP A 150 1.53 -9.63 -2.74
CA ASP A 150 2.14 -10.93 -2.47
C ASP A 150 3.57 -10.95 -3.01
N TYR A 151 3.77 -10.34 -4.18
CA TYR A 151 5.11 -10.34 -4.76
C TYR A 151 6.07 -9.55 -3.87
N CYS A 152 5.75 -8.30 -3.53
CA CYS A 152 6.71 -7.51 -2.77
C CYS A 152 6.92 -8.11 -1.37
N HIS A 153 5.85 -8.62 -0.74
CA HIS A 153 6.03 -9.28 0.56
C HIS A 153 6.93 -10.51 0.44
N SER A 154 6.76 -11.30 -0.63
CA SER A 154 7.59 -12.48 -0.84
C SER A 154 9.04 -12.13 -1.11
N MET A 155 9.25 -10.88 -1.51
CA MET A 155 10.60 -10.35 -1.74
C MET A 155 11.12 -9.56 -0.53
N GLY A 156 10.44 -9.70 0.60
CA GLY A 156 10.90 -9.16 1.88
C GLY A 156 10.65 -7.68 2.08
N ILE A 157 9.68 -7.13 1.36
CA ILE A 157 9.45 -5.68 1.38
C ILE A 157 8.01 -5.32 1.77
N MET A 158 7.87 -4.36 2.68
CA MET A 158 6.57 -3.78 3.04
C MET A 158 6.36 -2.48 2.26
N HIS A 159 5.19 -2.26 1.67
CA HIS A 159 4.99 -1.02 0.89
C HIS A 159 4.79 0.18 1.83
N ARG A 160 3.89 0.00 2.79
CA ARG A 160 3.62 0.96 3.87
C ARG A 160 2.95 2.27 3.42
N ASP A 161 2.42 2.32 2.20
CA ASP A 161 1.65 3.50 1.79
C ASP A 161 0.60 3.12 0.74
N VAL A 162 -0.06 2.00 0.98
CA VAL A 162 -1.14 1.55 0.11
C VAL A 162 -2.36 2.47 0.29
N LYS A 163 -2.85 3.02 -0.82
CA LYS A 163 -3.97 3.96 -0.83
C LYS A 163 -4.31 4.22 -2.31
N PRO A 164 -5.52 4.70 -2.62
CA PRO A 164 -5.96 4.85 -4.01
C PRO A 164 -5.02 5.71 -4.87
N HIS A 165 -4.43 6.74 -4.27
CA HIS A 165 -3.52 7.62 -5.00
C HIS A 165 -2.24 6.90 -5.45
N ASN A 166 -1.91 5.79 -4.80
CA ASN A 166 -0.71 5.05 -5.15
C ASN A 166 -1.00 3.81 -5.98
N VAL A 167 -2.24 3.70 -6.45
CA VAL A 167 -2.60 2.64 -7.39
C VAL A 167 -3.03 3.30 -8.71
N MET A 168 -2.13 3.29 -9.70
CA MET A 168 -2.40 3.91 -11.01
C MET A 168 -3.14 2.91 -11.90
N ILE A 169 -4.25 3.35 -12.50
CA ILE A 169 -5.07 2.46 -13.33
C ILE A 169 -5.34 3.08 -14.70
N ASP A 170 -4.85 2.41 -15.74
CA ASP A 170 -5.22 2.69 -17.12
C ASP A 170 -6.42 1.81 -17.43
N HIS A 171 -7.62 2.34 -17.24
CA HIS A 171 -8.81 1.49 -17.23
C HIS A 171 -9.12 0.84 -18.58
N GLU A 172 -8.92 1.56 -19.67
CA GLU A 172 -9.25 0.99 -20.97
C GLU A 172 -8.31 -0.17 -21.35
N HIS A 173 -7.10 -0.20 -20.78
CA HIS A 173 -6.21 -1.35 -20.97
C HIS A 173 -6.21 -2.32 -19.77
N ARG A 174 -7.10 -2.07 -18.81
CA ARG A 174 -7.21 -2.87 -17.58
C ARG A 174 -5.83 -3.10 -16.97
N LYS A 175 -5.08 -2.00 -16.88
CA LYS A 175 -3.68 -2.05 -16.50
C LYS A 175 -3.45 -1.35 -15.15
N LEU A 176 -2.95 -2.09 -14.17
CA LEU A 176 -2.79 -1.51 -12.84
C LEU A 176 -1.33 -1.55 -12.41
N ARG A 177 -0.86 -0.45 -11.82
CA ARG A 177 0.49 -0.43 -11.24
C ARG A 177 0.48 0.18 -9.84
N LEU A 178 1.14 -0.51 -8.90
CA LEU A 178 1.35 0.03 -7.56
C LEU A 178 2.60 0.89 -7.57
N ILE A 179 2.43 2.17 -7.20
CA ILE A 179 3.50 3.16 -7.29
C ILE A 179 3.92 3.73 -5.93
N ASP A 180 4.81 4.71 -5.97
CA ASP A 180 5.37 5.40 -4.80
C ASP A 180 5.87 4.50 -3.69
N TRP A 181 7.06 3.97 -3.92
CA TRP A 181 7.72 3.08 -3.00
C TRP A 181 8.65 3.83 -2.03
N GLY A 182 8.43 5.14 -1.93
CA GLY A 182 9.25 5.98 -1.05
C GLY A 182 9.17 5.73 0.45
N LEU A 183 8.10 5.08 0.91
CA LEU A 183 7.96 4.74 2.32
C LEU A 183 8.20 3.25 2.56
N ALA A 184 8.50 2.51 1.52
CA ALA A 184 8.65 1.06 1.63
C ALA A 184 9.94 0.70 2.40
N GLU A 185 9.96 -0.48 3.03
CA GLU A 185 11.11 -0.87 3.83
C GLU A 185 11.27 -2.39 3.84
N PHE A 186 12.49 -2.85 4.04
CA PHE A 186 12.78 -4.28 4.16
C PHE A 186 12.32 -4.81 5.50
N TYR A 187 11.64 -5.96 5.49
CA TYR A 187 11.23 -6.60 6.73
C TYR A 187 12.33 -7.47 7.33
N HIS A 188 12.65 -7.21 8.60
CA HIS A 188 13.59 -8.02 9.38
C HIS A 188 12.92 -8.35 10.70
N PRO A 189 12.80 -9.65 11.02
CA PRO A 189 12.04 -10.02 12.22
C PRO A 189 12.62 -9.43 13.50
N GLY A 190 11.74 -8.86 14.34
CA GLY A 190 12.13 -8.23 15.58
C GLY A 190 12.47 -6.76 15.47
N GLN A 191 12.54 -6.24 14.25
CA GLN A 191 12.88 -4.83 14.07
C GLN A 191 11.72 -3.92 14.49
N GLU A 192 12.06 -2.83 15.18
CA GLU A 192 11.06 -1.86 15.61
C GLU A 192 11.03 -0.70 14.63
N TYR A 193 9.93 -0.63 13.89
CA TYR A 193 9.79 0.29 12.76
C TYR A 193 9.12 1.59 13.15
N ASN A 194 9.36 2.61 12.33
CA ASN A 194 8.69 3.90 12.46
C ASN A 194 7.21 3.75 12.17
N VAL A 195 6.35 4.17 13.11
CA VAL A 195 4.92 4.06 12.86
C VAL A 195 4.37 5.24 12.06
N ARG A 196 5.21 6.23 11.78
CA ARG A 196 4.81 7.39 10.99
C ARG A 196 4.90 7.09 9.48
N VAL A 197 4.06 6.16 9.04
CA VAL A 197 3.98 5.76 7.65
C VAL A 197 2.50 5.65 7.29
N ALA A 198 2.22 5.51 5.99
CA ALA A 198 0.86 5.45 5.44
C ALA A 198 0.06 6.75 5.65
N SER A 199 -0.96 6.93 4.80
CA SER A 199 -1.87 8.06 4.90
C SER A 199 -2.79 7.82 6.07
N ARG A 200 -3.20 8.88 6.77
CA ARG A 200 -4.07 8.73 7.95
C ARG A 200 -5.19 7.70 7.81
N TYR A 201 -5.94 7.81 6.71
CA TYR A 201 -7.14 6.99 6.52
C TYR A 201 -6.82 5.51 6.33
N PHE A 202 -5.56 5.21 6.01
CA PHE A 202 -5.18 3.83 5.68
C PHE A 202 -4.20 3.26 6.71
N LYS A 203 -3.98 4.01 7.77
CA LYS A 203 -3.11 3.53 8.84
C LYS A 203 -3.76 2.38 9.59
N GLY A 204 -3.02 1.29 9.79
CA GLY A 204 -3.54 0.18 10.58
C GLY A 204 -3.56 0.51 12.06
N PRO A 205 -4.39 -0.22 12.83
CA PRO A 205 -4.42 -0.07 14.30
C PRO A 205 -3.04 -0.13 14.94
N GLU A 206 -2.15 -0.99 14.47
CA GLU A 206 -0.82 -1.07 15.05
C GLU A 206 -0.11 0.30 15.01
N LEU A 207 -0.29 1.05 13.92
CA LEU A 207 0.39 2.34 13.81
C LEU A 207 -0.24 3.35 14.77
N LEU A 208 -1.56 3.32 14.84
CA LEU A 208 -2.32 4.27 15.65
C LEU A 208 -2.09 4.08 17.16
N VAL A 209 -1.71 2.88 17.58
CA VAL A 209 -1.44 2.64 19.01
C VAL A 209 0.07 2.55 19.32
N ASP A 210 0.89 2.89 18.32
CA ASP A 210 2.35 2.94 18.44
C ASP A 210 2.97 1.57 18.74
N TYR A 211 2.46 0.53 18.07
CA TYR A 211 3.07 -0.79 18.17
C TYR A 211 4.07 -0.93 17.02
N GLN A 212 5.35 -0.95 17.35
CA GLN A 212 6.36 -0.74 16.32
C GLN A 212 6.82 -2.02 15.63
N MET A 213 6.54 -3.17 16.22
CA MET A 213 7.07 -4.41 15.67
C MET A 213 6.07 -5.05 14.70
N TYR A 214 5.69 -4.26 13.70
CA TYR A 214 4.70 -4.67 12.71
C TYR A 214 5.36 -5.28 11.48
N ASP A 215 4.55 -5.67 10.51
CA ASP A 215 5.11 -6.39 9.35
C ASP A 215 4.24 -6.19 8.12
N TYR A 216 4.38 -7.09 7.14
CA TYR A 216 3.65 -7.00 5.87
C TYR A 216 2.15 -6.83 6.04
N SER A 217 1.62 -7.36 7.13
CA SER A 217 0.17 -7.34 7.36
C SER A 217 -0.38 -5.91 7.48
N LEU A 218 0.48 -4.93 7.73
CA LEU A 218 0.05 -3.54 7.67
C LEU A 218 -0.58 -3.20 6.31
N ASP A 219 0.06 -3.66 5.24
CA ASP A 219 -0.46 -3.41 3.89
C ASP A 219 -1.84 -4.04 3.68
N MET A 220 -2.12 -5.15 4.37
CA MET A 220 -3.41 -5.83 4.19
C MET A 220 -4.54 -5.03 4.85
N TRP A 221 -4.23 -4.34 5.96
CA TRP A 221 -5.20 -3.40 6.53
C TRP A 221 -5.54 -2.29 5.54
N SER A 222 -4.50 -1.65 5.00
CA SER A 222 -4.68 -0.57 4.03
C SER A 222 -5.52 -1.06 2.87
N LEU A 223 -5.24 -2.26 2.39
CA LEU A 223 -6.00 -2.81 1.26
C LEU A 223 -7.47 -2.99 1.62
N GLY A 224 -7.74 -3.45 2.84
CA GLY A 224 -9.12 -3.61 3.29
C GLY A 224 -9.84 -2.26 3.34
N CYS A 225 -9.12 -1.20 3.72
CA CYS A 225 -9.71 0.15 3.70
C CYS A 225 -10.11 0.55 2.28
N MET A 226 -9.26 0.21 1.32
CA MET A 226 -9.57 0.49 -0.08
C MET A 226 -10.78 -0.29 -0.56
N LEU A 227 -10.83 -1.57 -0.22
CA LEU A 227 -11.95 -2.40 -0.62
C LEU A 227 -13.25 -1.80 -0.10
N ALA A 228 -13.27 -1.48 1.20
CA ALA A 228 -14.48 -0.93 1.80
C ALA A 228 -14.90 0.33 1.06
N SER A 229 -13.93 1.17 0.71
CA SER A 229 -14.27 2.44 0.08
C SER A 229 -14.86 2.18 -1.31
N MET A 230 -14.41 1.12 -1.97
CA MET A 230 -14.91 0.85 -3.33
C MET A 230 -16.28 0.19 -3.34
N ILE A 231 -16.48 -0.84 -2.52
CA ILE A 231 -17.76 -1.54 -2.57
C ILE A 231 -18.88 -0.77 -1.87
N PHE A 232 -18.52 0.13 -0.95
CA PHE A 232 -19.54 0.90 -0.26
C PHE A 232 -19.70 2.30 -0.85
N ARG A 233 -18.87 2.64 -1.84
CA ARG A 233 -18.85 3.99 -2.41
C ARG A 233 -18.76 5.10 -1.35
N LYS A 234 -17.79 4.93 -0.47
CA LYS A 234 -17.49 5.91 0.58
C LYS A 234 -15.99 6.04 0.69
N GLU A 235 -15.43 7.13 0.17
CA GLU A 235 -13.99 7.29 0.12
C GLU A 235 -13.54 8.57 0.83
N PRO A 236 -12.71 8.43 1.88
CA PRO A 236 -12.22 7.17 2.44
C PRO A 236 -13.28 6.56 3.34
N PHE A 237 -13.12 5.28 3.65
CA PHE A 237 -14.11 4.63 4.48
C PHE A 237 -14.03 5.08 5.93
N PHE A 238 -12.84 5.03 6.53
CA PHE A 238 -12.66 5.49 7.91
C PHE A 238 -12.09 6.91 7.84
N HIS A 239 -12.94 7.90 8.10
CA HIS A 239 -12.52 9.30 7.92
C HIS A 239 -12.28 10.00 9.27
N GLY A 240 -11.08 9.82 9.85
CA GLY A 240 -10.72 10.50 11.08
C GLY A 240 -10.18 11.91 10.83
N HIS A 241 -10.28 12.78 11.82
CA HIS A 241 -9.77 14.15 11.67
C HIS A 241 -8.33 14.30 12.17
N ASP A 242 -7.84 13.30 12.90
CA ASP A 242 -6.42 13.18 13.22
C ASP A 242 -6.14 11.73 13.58
N ASN A 243 -4.91 11.39 13.95
CA ASN A 243 -4.58 9.97 14.17
C ASN A 243 -5.35 9.36 15.33
N TYR A 244 -5.60 10.15 16.38
CA TYR A 244 -6.38 9.65 17.50
C TYR A 244 -7.81 9.36 17.09
N ASP A 245 -8.44 10.33 16.46
CA ASP A 245 -9.80 10.17 15.95
C ASP A 245 -9.89 9.06 14.90
N GLN A 246 -8.82 8.82 14.15
CA GLN A 246 -8.80 7.72 13.17
C GLN A 246 -9.09 6.38 13.86
N LEU A 247 -8.48 6.16 15.03
CA LEU A 247 -8.71 4.91 15.74
C LEU A 247 -10.16 4.88 16.27
N VAL A 248 -10.67 6.03 16.69
CA VAL A 248 -12.09 6.14 17.11
C VAL A 248 -13.02 5.71 15.96
N ARG A 249 -12.73 6.17 14.75
CA ARG A 249 -13.59 5.81 13.60
C ARG A 249 -13.60 4.30 13.34
N ILE A 250 -12.44 3.69 13.49
CA ILE A 250 -12.32 2.24 13.33
C ILE A 250 -13.13 1.53 14.43
N ALA A 251 -12.99 2.02 15.66
CA ALA A 251 -13.64 1.41 16.82
C ALA A 251 -15.15 1.50 16.72
N LYS A 252 -15.66 2.53 16.06
CA LYS A 252 -17.12 2.68 15.92
C LYS A 252 -17.69 1.60 14.99
N VAL A 253 -16.83 0.99 14.17
CA VAL A 253 -17.26 -0.04 13.24
C VAL A 253 -16.89 -1.44 13.75
N LEU A 254 -15.60 -1.63 14.07
CA LEU A 254 -15.14 -2.95 14.53
C LEU A 254 -15.50 -3.25 15.98
N GLY A 255 -15.87 -2.20 16.72
CA GLY A 255 -16.22 -2.35 18.14
C GLY A 255 -15.04 -2.13 19.07
N THR A 256 -15.32 -1.73 20.31
CA THR A 256 -14.24 -1.48 21.25
C THR A 256 -13.77 -2.74 21.99
N GLU A 257 -14.62 -3.75 22.12
CA GLU A 257 -14.18 -4.96 22.83
C GLU A 257 -13.01 -5.64 22.14
N ASP A 258 -13.08 -5.81 20.81
CA ASP A 258 -11.99 -6.45 20.08
C ASP A 258 -10.74 -5.57 20.07
N LEU A 259 -10.92 -4.25 20.15
CA LEU A 259 -9.78 -3.34 20.24
C LEU A 259 -9.05 -3.54 21.56
N TYR A 260 -9.81 -3.58 22.65
CA TYR A 260 -9.19 -3.72 23.96
C TYR A 260 -8.62 -5.13 24.14
N ASP A 261 -9.21 -6.13 23.48
CA ASP A 261 -8.62 -7.48 23.45
C ASP A 261 -7.25 -7.47 22.76
N TYR A 262 -7.15 -6.74 21.65
CA TYR A 262 -5.89 -6.56 20.92
C TYR A 262 -4.81 -5.88 21.77
N ILE A 263 -5.17 -4.75 22.35
CA ILE A 263 -4.29 -4.01 23.24
C ILE A 263 -3.78 -4.90 24.38
N ASP A 264 -4.69 -5.70 24.93
CA ASP A 264 -4.37 -6.60 26.04
C ASP A 264 -3.41 -7.72 25.60
N LYS A 265 -3.68 -8.33 24.46
CA LYS A 265 -2.86 -9.44 23.96
C LYS A 265 -1.40 -9.03 23.81
N TYR A 266 -1.16 -7.81 23.32
CA TYR A 266 0.19 -7.37 23.03
C TYR A 266 0.78 -6.48 24.13
N ASN A 267 0.04 -6.36 25.24
CA ASN A 267 0.47 -5.55 26.38
C ASN A 267 0.82 -4.12 25.95
N ILE A 268 -0.05 -3.54 25.14
CA ILE A 268 0.19 -2.19 24.63
C ILE A 268 -0.33 -1.16 25.62
N GLU A 269 0.49 -0.16 25.89
CA GLU A 269 0.11 0.93 26.78
C GLU A 269 -0.55 2.05 25.98
N LEU A 270 -1.85 2.25 26.17
CA LEU A 270 -2.59 3.29 25.46
C LEU A 270 -2.45 4.64 26.18
N ASP A 271 -2.29 5.71 25.40
CA ASP A 271 -2.40 7.07 25.91
C ASP A 271 -3.72 7.21 26.67
N PRO A 272 -3.66 7.75 27.90
CA PRO A 272 -4.81 8.01 28.79
C PRO A 272 -6.00 8.66 28.07
N ARG A 273 -5.69 9.60 27.18
CA ARG A 273 -6.70 10.33 26.41
C ARG A 273 -7.57 9.41 25.58
N PHE A 274 -7.02 8.28 25.15
CA PHE A 274 -7.74 7.40 24.24
C PHE A 274 -9.03 6.83 24.84
N ASN A 275 -8.95 6.30 26.05
CA ASN A 275 -10.12 5.58 26.51
C ASN A 275 -11.31 6.49 26.82
N ASP A 276 -11.05 7.77 27.01
CA ASP A 276 -12.17 8.69 27.09
C ASP A 276 -12.81 8.97 25.72
N ILE A 277 -11.99 9.02 24.67
CA ILE A 277 -12.54 9.32 23.34
C ILE A 277 -12.98 8.05 22.60
N LEU A 278 -12.45 6.90 22.99
CA LEU A 278 -12.84 5.65 22.35
C LEU A 278 -14.27 5.24 22.74
N GLY A 279 -14.66 5.55 23.97
CA GLY A 279 -16.00 5.21 24.43
C GLY A 279 -16.25 3.71 24.41
N ARG A 280 -17.51 3.34 24.20
CA ARG A 280 -17.92 1.94 24.09
C ARG A 280 -18.76 1.79 22.85
N HIS A 281 -18.38 0.86 21.98
CA HIS A 281 -19.11 0.67 20.73
C HIS A 281 -19.22 -0.80 20.37
N SER A 282 -20.44 -1.23 20.03
CA SER A 282 -20.65 -2.58 19.52
C SER A 282 -19.96 -2.74 18.17
N ARG A 283 -19.59 -3.98 17.87
CA ARG A 283 -19.15 -4.35 16.52
C ARG A 283 -20.35 -4.25 15.59
N LYS A 284 -20.20 -3.54 14.48
CA LYS A 284 -21.27 -3.36 13.52
C LYS A 284 -21.24 -4.45 12.44
N ARG A 285 -22.42 -4.85 11.99
CA ARG A 285 -22.51 -5.76 10.85
C ARG A 285 -22.12 -5.03 9.58
N TRP A 286 -21.30 -5.64 8.73
CA TRP A 286 -20.89 -5.00 7.49
C TRP A 286 -22.12 -4.68 6.62
N GLU A 287 -23.18 -5.47 6.74
CA GLU A 287 -24.41 -5.24 5.97
C GLU A 287 -25.00 -3.86 6.24
N ARG A 288 -24.69 -3.27 7.40
CA ARG A 288 -25.20 -1.95 7.73
C ARG A 288 -24.80 -0.86 6.74
N PHE A 289 -23.70 -1.09 6.02
CA PHE A 289 -23.19 -0.06 5.13
C PHE A 289 -23.69 -0.28 3.70
N VAL A 290 -24.51 -1.31 3.49
CA VAL A 290 -25.08 -1.56 2.18
C VAL A 290 -26.34 -0.69 2.00
N HIS A 291 -26.38 0.06 0.91
CA HIS A 291 -27.54 0.89 0.56
C HIS A 291 -27.98 0.58 -0.87
N SER A 292 -29.13 1.12 -1.28
CA SER A 292 -29.60 0.91 -2.66
C SER A 292 -28.53 1.28 -3.70
N GLU A 293 -27.78 2.34 -3.43
CA GLU A 293 -26.83 2.88 -4.40
C GLU A 293 -25.49 2.12 -4.52
N ASN A 294 -25.15 1.32 -3.51
CA ASN A 294 -23.93 0.52 -3.63
C ASN A 294 -24.18 -0.98 -3.66
N GLN A 295 -25.44 -1.43 -3.59
CA GLN A 295 -25.69 -2.86 -3.39
C GLN A 295 -25.22 -3.72 -4.57
N HIS A 296 -25.18 -3.13 -5.77
CA HIS A 296 -24.73 -3.87 -6.95
C HIS A 296 -23.23 -4.18 -6.89
N LEU A 297 -22.53 -3.61 -5.91
CA LEU A 297 -21.09 -3.86 -5.75
C LEU A 297 -20.82 -4.79 -4.56
N VAL A 298 -21.88 -5.12 -3.84
CA VAL A 298 -21.74 -5.90 -2.62
C VAL A 298 -22.34 -7.30 -2.76
N SER A 299 -21.62 -8.28 -2.24
CA SER A 299 -22.02 -9.67 -2.27
C SER A 299 -21.64 -10.30 -0.94
N PRO A 300 -22.24 -11.45 -0.61
CA PRO A 300 -21.79 -12.17 0.60
C PRO A 300 -20.27 -12.40 0.57
N GLU A 301 -19.75 -12.73 -0.61
CA GLU A 301 -18.31 -12.96 -0.75
C GLU A 301 -17.50 -11.70 -0.49
N ALA A 302 -17.99 -10.56 -0.97
CA ALA A 302 -17.27 -9.31 -0.73
C ALA A 302 -17.21 -9.02 0.76
N LEU A 303 -18.35 -9.17 1.43
CA LEU A 303 -18.39 -8.84 2.86
C LEU A 303 -17.55 -9.81 3.68
N ASP A 304 -17.56 -11.10 3.32
CA ASP A 304 -16.73 -12.08 4.02
C ASP A 304 -15.25 -11.78 3.85
N PHE A 305 -14.87 -11.40 2.64
CA PHE A 305 -13.47 -11.08 2.35
C PHE A 305 -13.03 -9.83 3.13
N LEU A 306 -13.81 -8.77 3.03
CA LEU A 306 -13.52 -7.53 3.76
C LEU A 306 -13.36 -7.78 5.27
N ASP A 307 -14.26 -8.58 5.81
CA ASP A 307 -14.24 -8.90 7.24
C ASP A 307 -12.94 -9.57 7.67
N LYS A 308 -12.35 -10.32 6.75
CA LYS A 308 -11.12 -11.05 7.02
C LYS A 308 -9.85 -10.23 6.80
N LEU A 309 -10.00 -9.03 6.22
CA LEU A 309 -8.88 -8.10 6.09
C LEU A 309 -8.85 -7.12 7.26
N LEU A 310 -10.01 -6.59 7.61
CA LEU A 310 -10.09 -5.51 8.59
C LEU A 310 -10.24 -6.09 9.99
N ARG A 311 -9.11 -6.52 10.53
CA ARG A 311 -9.06 -7.06 11.88
C ARG A 311 -8.00 -6.32 12.66
N TYR A 312 -8.27 -6.05 13.93
CA TYR A 312 -7.33 -5.33 14.76
C TYR A 312 -6.00 -6.04 14.82
N ASP A 313 -6.07 -7.32 15.17
CA ASP A 313 -4.87 -8.12 15.31
C ASP A 313 -4.22 -8.39 13.96
N HIS A 314 -3.04 -7.81 13.77
CA HIS A 314 -2.35 -7.91 12.50
C HIS A 314 -2.05 -9.39 12.17
N GLN A 315 -1.90 -10.23 13.18
CA GLN A 315 -1.61 -11.65 12.91
C GLN A 315 -2.85 -12.41 12.43
N SER A 316 -4.02 -11.79 12.55
CA SER A 316 -5.29 -12.44 12.19
C SER A 316 -5.79 -12.08 10.79
N ARG A 317 -5.14 -11.12 10.16
CA ARG A 317 -5.55 -10.70 8.82
C ARG A 317 -5.12 -11.71 7.78
N LEU A 318 -5.90 -11.87 6.71
CA LEU A 318 -5.46 -12.70 5.61
C LEU A 318 -4.13 -12.20 5.08
N THR A 319 -3.26 -13.13 4.68
CA THR A 319 -2.12 -12.79 3.84
C THR A 319 -2.58 -12.49 2.41
N ALA A 320 -1.72 -11.88 1.60
CA ALA A 320 -2.10 -11.60 0.21
C ALA A 320 -2.39 -12.91 -0.53
N ARG A 321 -1.58 -13.93 -0.28
CA ARG A 321 -1.77 -15.24 -0.91
C ARG A 321 -3.08 -15.92 -0.50
N GLU A 322 -3.38 -15.87 0.79
CA GLU A 322 -4.65 -16.41 1.29
C GLU A 322 -5.81 -15.65 0.70
N ALA A 323 -5.65 -14.33 0.57
CA ALA A 323 -6.70 -13.48 0.02
C ALA A 323 -7.01 -13.85 -1.44
N MET A 324 -5.99 -14.16 -2.22
CA MET A 324 -6.21 -14.47 -3.64
C MET A 324 -6.97 -15.79 -3.81
N GLU A 325 -7.01 -16.60 -2.75
CA GLU A 325 -7.79 -17.85 -2.79
C GLU A 325 -9.27 -17.67 -2.49
N HIS A 326 -9.65 -16.47 -2.03
CA HIS A 326 -11.03 -16.27 -1.57
C HIS A 326 -12.05 -16.35 -2.71
N PRO A 327 -13.25 -16.92 -2.43
CA PRO A 327 -14.23 -17.11 -3.50
C PRO A 327 -14.69 -15.82 -4.17
N TYR A 328 -14.50 -14.68 -3.51
CA TYR A 328 -14.74 -13.37 -4.13
C TYR A 328 -14.08 -13.28 -5.51
N PHE A 329 -12.94 -13.96 -5.67
CA PHE A 329 -12.16 -13.85 -6.89
C PHE A 329 -12.37 -15.00 -7.89
N TYR A 330 -13.36 -15.85 -7.64
CA TYR A 330 -13.56 -17.04 -8.48
C TYR A 330 -13.63 -16.69 -9.97
N THR A 331 -14.48 -15.75 -10.34
CA THR A 331 -14.62 -15.41 -11.76
C THR A 331 -13.36 -14.72 -12.31
N VAL A 332 -12.69 -13.93 -11.49
CA VAL A 332 -11.44 -13.31 -11.92
C VAL A 332 -10.37 -14.38 -12.22
N VAL A 333 -10.24 -15.37 -11.36
CA VAL A 333 -9.17 -16.36 -11.50
C VAL A 333 -9.30 -17.15 -12.81
N LYS A 334 -10.52 -17.50 -13.19
CA LYS A 334 -10.77 -18.15 -14.49
C LYS A 334 -10.29 -17.28 -15.66
N ASP A 335 -10.57 -15.98 -15.59
CA ASP A 335 -10.19 -15.03 -16.65
C ASP A 335 -8.66 -14.94 -16.77
N GLN A 336 -7.97 -15.01 -15.64
CA GLN A 336 -6.51 -14.93 -15.61
C GLN A 336 -5.86 -16.21 -16.13
N ALA A 337 -6.58 -17.32 -16.04
CA ALA A 337 -6.10 -18.61 -16.54
C ALA A 337 -5.97 -18.55 -18.06
N ARG A 338 -4.95 -17.85 -18.53
CA ARG A 338 -4.87 -17.46 -19.93
C ARG A 338 -3.99 -18.38 -20.78
N MET A 339 -4.59 -18.97 -21.80
CA MET A 339 -3.86 -19.81 -22.75
C MET A 339 -2.85 -18.97 -23.50
N GLY A 340 -3.24 -17.72 -23.76
CA GLY A 340 -2.39 -16.76 -24.44
C GLY A 340 -2.02 -17.20 -25.85
C01 8BH B . -0.25 10.19 -13.71
C02 8BH B . -1.22 11.22 -13.54
C03 8BH B . -0.25 9.49 -14.92
C04 8BH B . -2.12 11.55 -14.52
C05 8BH B . -1.18 9.83 -15.92
C06 8BH B . -2.12 10.85 -15.71
C07 8BH B . 0.51 10.19 -12.44
C08 8BH B . -0.06 11.18 -11.67
C10 8BH B . 1.67 9.26 -12.06
C11 8BH B . 2.43 9.40 -10.95
C12 8BH B . 2.18 10.52 -9.95
C14 8BH B . 3.56 8.45 -10.61
C15 8BH B . 4.05 7.38 -11.31
C17 8BH B . 5.07 6.85 -10.56
C19 8BH B . 3.61 6.86 -12.65
N09 8BH B . -0.97 11.65 -12.38
N13 8BH B . 1.97 11.31 -9.15
N16 8BH B . 4.26 8.57 -9.46
N18 8BH B . 5.20 7.57 -9.43
N20 8BH B . 3.26 6.46 -13.67
N21 8BH B . 5.87 5.73 -10.90
C01 8BH C . 16.14 17.39 -13.68
C02 8BH C . 17.05 16.48 -13.02
C03 8BH C . 15.41 16.94 -14.80
C04 8BH C . 17.20 15.20 -13.47
C05 8BH C . 15.58 15.62 -15.24
C06 8BH C . 16.48 14.77 -14.56
C07 8BH C . 16.26 18.65 -12.92
C08 8BH C . 17.18 18.39 -11.91
C10 8BH C . 15.43 19.86 -13.27
C11 8BH C . 14.93 20.80 -12.44
C12 8BH C . 14.08 21.88 -13.07
C14 8BH C . 15.14 20.83 -10.94
C15 8BH C . 14.18 21.05 -9.99
C17 8BH C . 14.76 21.02 -8.76
C19 8BH C . 12.72 21.28 -10.28
N09 8BH C . 17.53 17.21 -12.08
N13 8BH C . 13.42 22.68 -13.53
N16 8BH C . 16.31 20.69 -10.28
N18 8BH C . 16.07 20.79 -8.93
N20 8BH C . 11.63 21.45 -10.54
N21 8BH C . 14.12 21.20 -7.50
#